data_8G1N
#
_entry.id   8G1N
#
_cell.length_a   70.802
_cell.length_b   70.802
_cell.length_c   188.442
_cell.angle_alpha   90.00
_cell.angle_beta   90.00
_cell.angle_gamma   120.00
#
_symmetry.space_group_name_H-M   'P 32 2 1'
#
loop_
_entity.id
_entity.type
_entity.pdbx_description
1 polymer "N,N'-diacetylbacilliosaminyl-1-phosphate transferase"
2 non-polymer 'MAGNESIUM ION'
3 non-polymer 'PHOSPHATE ION'
4 non-polymer DI-PALMITOYL-3-SN-PHOSPHATIDYLETHANOLAMINE
5 non-polymer 'TETRAETHYLENE GLYCOL'
6 water water
#
_entity_poly.entity_id   1
_entity_poly.type   'polypeptide(L)'
_entity_poly.pdbx_seq_one_letter_code
;SGSGMYRNFLKRVIDILGALFLLILTSPIIIATAIFIYFKVSRDVIFTQARPGLNEKIFKMYKFKTMSDERDANGELLPD
DQRLGKFGKLIRSLSLDELPQLFNVLKGDMSFIGPRPLLVEYLPIYNETQKHRHDVRPGITGLAQVNGRNAISWEKKFEY
DVYYAKNLSFMLDVKIALMTIEKVLKRSGVSKEGQATTEKFNGKN
;
_entity_poly.pdbx_strand_id   A,B
#
# COMPACT_ATOMS: atom_id res chain seq x y z
N GLY A 2 20.08 -7.09 -12.87
CA GLY A 2 20.63 -6.78 -11.56
C GLY A 2 21.31 -5.43 -11.44
N SER A 3 22.32 -5.23 -12.27
CA SER A 3 23.13 -4.03 -12.19
C SER A 3 23.75 -3.72 -13.54
N GLY A 4 23.15 -4.23 -14.62
CA GLY A 4 23.59 -3.88 -15.95
C GLY A 4 23.30 -2.44 -16.29
N MET A 5 23.77 -2.03 -17.47
CA MET A 5 23.57 -0.66 -17.87
C MET A 5 22.19 -0.43 -18.48
N TYR A 6 21.47 -1.50 -18.85
CA TYR A 6 20.11 -1.31 -19.33
C TYR A 6 19.15 -1.08 -18.17
N ARG A 7 19.20 -1.94 -17.15
CA ARG A 7 18.33 -1.80 -15.99
C ARG A 7 18.63 -0.54 -15.18
N ASN A 8 19.84 -0.01 -15.27
CA ASN A 8 20.26 1.12 -14.44
C ASN A 8 20.51 2.39 -15.24
N PHE A 9 20.23 2.39 -16.54
CA PHE A 9 20.50 3.59 -17.34
C PHE A 9 19.70 3.60 -18.64
N LEU A 10 19.99 2.64 -19.54
CA LEU A 10 19.47 2.73 -20.90
C LEU A 10 17.94 2.69 -20.94
N LYS A 11 17.33 1.79 -20.17
CA LYS A 11 15.88 1.64 -20.22
C LYS A 11 15.18 2.94 -19.84
N ARG A 12 15.69 3.63 -18.83
CA ARG A 12 15.10 4.92 -18.45
C ARG A 12 15.29 5.95 -19.55
N VAL A 13 16.47 5.98 -20.17
CA VAL A 13 16.74 6.95 -21.23
C VAL A 13 15.81 6.70 -22.42
N ILE A 14 15.59 5.43 -22.75
CA ILE A 14 14.67 5.10 -23.84
C ILE A 14 13.24 5.49 -23.47
N ASP A 15 12.88 5.30 -22.19
CA ASP A 15 11.56 5.73 -21.72
C ASP A 15 11.39 7.23 -21.86
N ILE A 16 12.42 8.00 -21.49
CA ILE A 16 12.34 9.46 -21.56
C ILE A 16 12.21 9.92 -23.01
N LEU A 17 13.08 9.40 -23.88
CA LEU A 17 13.05 9.79 -25.28
C LEU A 17 11.75 9.37 -25.95
N GLY A 18 11.23 8.19 -25.59
CA GLY A 18 10.00 7.72 -26.20
C GLY A 18 8.78 8.48 -25.73
N ALA A 19 8.68 8.71 -24.42
CA ALA A 19 7.54 9.45 -23.89
C ALA A 19 7.51 10.88 -24.41
N LEU A 20 8.68 11.53 -24.46
CA LEU A 20 8.75 12.87 -25.02
C LEU A 20 8.33 12.90 -26.48
N PHE A 21 8.77 11.90 -27.25
CA PHE A 21 8.44 11.87 -28.68
C PHE A 21 6.95 11.64 -28.89
N LEU A 22 6.38 10.66 -28.20
CA LEU A 22 4.97 10.35 -28.38
C LEU A 22 4.07 11.45 -27.84
N LEU A 23 4.54 12.18 -26.82
CA LEU A 23 3.78 13.33 -26.34
C LEU A 23 3.72 14.44 -27.39
N ILE A 24 4.84 14.68 -28.08
CA ILE A 24 4.83 15.64 -29.17
C ILE A 24 4.08 15.08 -30.37
N LEU A 25 4.20 13.78 -30.62
CA LEU A 25 3.55 13.17 -31.77
C LEU A 25 2.02 13.21 -31.63
N THR A 26 1.51 13.02 -30.41
CA THR A 26 0.08 13.03 -30.17
C THR A 26 -0.40 14.32 -29.52
N SER A 27 0.44 15.36 -29.51
CA SER A 27 0.05 16.62 -28.87
C SER A 27 -1.21 17.25 -29.47
N PRO A 28 -1.45 17.26 -30.78
CA PRO A 28 -2.73 17.81 -31.27
C PRO A 28 -3.93 17.02 -30.77
N ILE A 29 -3.81 15.69 -30.68
CA ILE A 29 -4.91 14.88 -30.16
C ILE A 29 -5.08 15.14 -28.67
N ILE A 30 -3.97 15.33 -27.95
CA ILE A 30 -4.03 15.62 -26.51
C ILE A 30 -4.75 16.94 -26.26
N ILE A 31 -4.39 17.97 -27.03
CA ILE A 31 -5.01 19.28 -26.85
C ILE A 31 -6.47 19.24 -27.28
N ALA A 32 -6.77 18.56 -28.39
CA ALA A 32 -8.14 18.47 -28.86
C ALA A 32 -9.02 17.74 -27.86
N THR A 33 -8.55 16.59 -27.36
CA THR A 33 -9.30 15.84 -26.36
C THR A 33 -9.51 16.66 -25.10
N ALA A 34 -8.48 17.39 -24.67
CA ALA A 34 -8.62 18.22 -23.48
C ALA A 34 -9.61 19.36 -23.70
N ILE A 35 -9.64 19.91 -24.92
CA ILE A 35 -10.58 20.99 -25.20
C ILE A 35 -12.01 20.48 -25.15
N PHE A 36 -12.29 19.36 -25.80
CA PHE A 36 -13.65 18.83 -25.82
C PHE A 36 -14.14 18.48 -24.42
N ILE A 37 -13.29 17.79 -23.65
CA ILE A 37 -13.65 17.42 -22.28
C ILE A 37 -13.91 18.67 -21.45
N TYR A 38 -13.16 19.73 -21.70
CA TYR A 38 -13.34 20.96 -20.93
C TYR A 38 -14.70 21.58 -21.18
N PHE A 39 -15.19 21.55 -22.42
CA PHE A 39 -16.44 22.20 -22.77
C PHE A 39 -17.65 21.28 -22.74
N LYS A 40 -17.46 19.97 -22.85
CA LYS A 40 -18.58 19.05 -22.93
C LYS A 40 -18.70 18.10 -21.75
N VAL A 41 -17.60 17.80 -21.06
CA VAL A 41 -17.61 16.82 -19.97
C VAL A 41 -17.37 17.50 -18.61
N SER A 42 -16.19 18.09 -18.42
CA SER A 42 -15.85 18.69 -17.15
C SER A 42 -14.68 19.66 -17.33
N ARG A 43 -14.73 20.78 -16.61
CA ARG A 43 -13.66 21.76 -16.68
C ARG A 43 -12.41 21.35 -15.90
N ASP A 44 -12.47 20.24 -15.16
CA ASP A 44 -11.29 19.58 -14.63
C ASP A 44 -10.95 18.46 -15.59
N VAL A 45 -10.03 18.74 -16.52
CA VAL A 45 -9.80 17.83 -17.64
C VAL A 45 -9.11 16.55 -17.18
N ILE A 46 -8.16 16.66 -16.26
CA ILE A 46 -7.33 15.53 -15.83
C ILE A 46 -7.73 15.12 -14.41
N PHE A 47 -7.86 13.81 -14.21
CA PHE A 47 -7.97 13.24 -12.87
C PHE A 47 -6.90 12.17 -12.70
N THR A 48 -6.43 12.01 -11.47
CA THR A 48 -5.35 11.11 -11.15
C THR A 48 -5.87 9.83 -10.50
N GLN A 49 -5.16 8.73 -10.73
CA GLN A 49 -5.47 7.43 -10.13
C GLN A 49 -4.29 7.02 -9.27
N ALA A 50 -4.49 6.97 -7.95
CA ALA A 50 -3.43 6.55 -7.04
C ALA A 50 -3.16 5.06 -7.23
N ARG A 51 -1.93 4.73 -7.62
CA ARG A 51 -1.52 3.36 -7.87
C ARG A 51 -0.12 3.15 -7.30
N PRO A 52 0.18 1.95 -6.84
CA PRO A 52 1.56 1.66 -6.39
C PRO A 52 2.48 1.41 -7.57
N GLY A 53 3.69 1.96 -7.48
CA GLY A 53 4.64 1.87 -8.57
C GLY A 53 5.92 1.15 -8.22
N LEU A 54 7.05 1.72 -8.60
CA LEU A 54 8.35 1.14 -8.28
C LEU A 54 8.57 1.12 -6.78
N ASN A 55 9.01 -0.03 -6.26
CA ASN A 55 9.17 -0.24 -4.82
C ASN A 55 7.87 0.04 -4.06
N GLU A 56 6.74 -0.23 -4.71
CA GLU A 56 5.40 -0.05 -4.15
C GLU A 56 5.11 1.40 -3.76
N LYS A 57 5.86 2.35 -4.33
CA LYS A 57 5.64 3.75 -4.04
C LYS A 57 4.42 4.26 -4.81
N ILE A 58 3.50 4.91 -4.10
CA ILE A 58 2.27 5.38 -4.71
C ILE A 58 2.54 6.57 -5.62
N PHE A 59 1.94 6.56 -6.80
CA PHE A 59 2.02 7.68 -7.74
C PHE A 59 0.63 7.97 -8.28
N LYS A 60 0.50 9.13 -8.91
CA LYS A 60 -0.76 9.59 -9.50
C LYS A 60 -0.73 9.26 -10.99
N MET A 61 -1.53 8.28 -11.40
CA MET A 61 -1.63 7.89 -12.80
C MET A 61 -2.66 8.79 -13.48
N TYR A 62 -2.20 9.62 -14.41
CA TYR A 62 -3.08 10.60 -15.03
C TYR A 62 -3.99 9.95 -16.06
N LYS A 63 -5.18 10.53 -16.22
CA LYS A 63 -6.16 10.05 -17.18
C LYS A 63 -7.15 11.18 -17.47
N PHE A 64 -7.64 11.22 -18.70
CA PHE A 64 -8.67 12.19 -19.06
C PHE A 64 -10.01 11.79 -18.44
N LYS A 65 -10.73 12.78 -17.93
CA LYS A 65 -12.08 12.52 -17.43
C LYS A 65 -13.02 12.27 -18.60
N THR A 66 -13.83 11.21 -18.49
CA THR A 66 -14.81 10.90 -19.51
C THR A 66 -16.25 10.93 -19.00
N MET A 67 -16.47 11.00 -17.68
CA MET A 67 -17.80 11.02 -17.11
C MET A 67 -18.02 12.32 -16.35
N SER A 68 -19.27 12.75 -16.29
CA SER A 68 -19.64 14.00 -15.66
C SER A 68 -19.82 13.82 -14.15
N ASP A 69 -20.06 14.94 -13.48
CA ASP A 69 -20.25 14.99 -12.03
C ASP A 69 -21.69 15.39 -11.69
N GLU A 70 -22.66 14.76 -12.35
CA GLU A 70 -24.08 15.11 -12.12
C GLU A 70 -24.71 14.11 -11.14
N ARG A 71 -25.11 14.58 -9.96
CA ARG A 71 -25.64 13.70 -8.90
C ARG A 71 -27.16 13.84 -8.79
N ASP A 72 -27.79 13.10 -7.87
CA ASP A 72 -29.24 13.26 -7.61
C ASP A 72 -29.35 14.15 -6.39
N ALA A 73 -30.34 15.03 -6.33
CA ALA A 73 -30.37 15.93 -5.16
C ALA A 73 -30.18 15.05 -3.92
N ASN A 74 -30.64 13.80 -4.00
CA ASN A 74 -30.48 12.86 -2.86
C ASN A 74 -29.01 12.92 -2.41
N GLY A 75 -28.12 13.23 -3.35
CA GLY A 75 -26.69 13.36 -3.03
C GLY A 75 -25.89 12.37 -3.83
N GLU A 76 -26.48 11.22 -4.15
CA GLU A 76 -25.77 10.18 -4.90
C GLU A 76 -25.56 10.60 -6.35
N LEU A 77 -24.42 10.18 -6.90
CA LEU A 77 -24.11 10.47 -8.30
C LEU A 77 -25.04 9.69 -9.22
N LEU A 78 -25.47 10.35 -10.29
CA LEU A 78 -26.25 9.69 -11.33
C LEU A 78 -25.47 8.51 -11.91
N PRO A 79 -26.15 7.42 -12.27
CA PRO A 79 -25.43 6.25 -12.79
C PRO A 79 -24.61 6.55 -14.02
N ASP A 80 -23.72 5.62 -14.36
CA ASP A 80 -22.87 5.75 -15.53
C ASP A 80 -23.67 5.80 -16.82
N ASP A 81 -24.93 5.38 -16.78
CA ASP A 81 -25.75 5.28 -17.99
C ASP A 81 -25.79 6.60 -18.75
N GLN A 82 -26.12 7.69 -18.05
CA GLN A 82 -26.19 9.01 -18.66
C GLN A 82 -24.93 9.85 -18.41
N ARG A 83 -24.18 9.55 -17.35
CA ARG A 83 -22.98 10.31 -17.02
C ARG A 83 -21.86 10.12 -18.02
N LEU A 84 -21.98 9.17 -18.93
CA LEU A 84 -20.99 8.93 -19.97
C LEU A 84 -21.60 9.36 -21.30
N GLY A 85 -21.18 10.52 -21.79
CA GLY A 85 -21.67 11.01 -23.07
C GLY A 85 -21.27 10.10 -24.21
N LYS A 86 -21.85 10.39 -25.38
CA LYS A 86 -21.57 9.58 -26.55
C LYS A 86 -20.12 9.69 -26.96
N PHE A 87 -19.57 10.91 -26.98
CA PHE A 87 -18.16 11.09 -27.26
C PHE A 87 -17.29 10.49 -26.15
N GLY A 88 -17.80 10.43 -24.92
CA GLY A 88 -17.06 9.81 -23.85
C GLY A 88 -16.69 8.38 -24.17
N LYS A 89 -17.63 7.63 -24.77
CA LYS A 89 -17.32 6.28 -25.23
C LYS A 89 -16.27 6.31 -26.33
N LEU A 90 -16.41 7.23 -27.27
CA LEU A 90 -15.46 7.30 -28.39
C LEU A 90 -14.05 7.56 -27.90
N ILE A 91 -13.90 8.43 -26.90
CA ILE A 91 -12.59 8.66 -26.29
C ILE A 91 -12.09 7.38 -25.62
N ARG A 92 -12.97 6.68 -24.92
CA ARG A 92 -12.58 5.45 -24.24
C ARG A 92 -12.26 4.35 -25.23
N SER A 93 -13.09 4.18 -26.26
CA SER A 93 -12.89 3.10 -27.21
C SER A 93 -11.56 3.24 -27.96
N LEU A 94 -11.11 4.47 -28.19
CA LEU A 94 -9.84 4.72 -28.83
C LEU A 94 -8.70 4.87 -27.85
N SER A 95 -8.96 4.71 -26.55
CA SER A 95 -7.95 4.84 -25.50
C SER A 95 -7.28 6.21 -25.51
N LEU A 96 -7.99 7.23 -26.00
CA LEU A 96 -7.44 8.58 -26.00
C LEU A 96 -7.25 9.12 -24.59
N ASP A 97 -8.13 8.75 -23.66
CA ASP A 97 -7.99 9.17 -22.28
C ASP A 97 -6.76 8.58 -21.60
N GLU A 98 -6.15 7.56 -22.20
CA GLU A 98 -4.93 6.97 -21.66
C GLU A 98 -3.67 7.70 -22.08
N LEU A 99 -3.78 8.64 -23.02
CA LEU A 99 -2.60 9.37 -23.48
C LEU A 99 -1.84 10.10 -22.37
N PRO A 100 -2.48 10.68 -21.35
CA PRO A 100 -1.69 11.31 -20.28
C PRO A 100 -0.76 10.36 -19.55
N GLN A 101 -0.96 9.04 -19.67
CA GLN A 101 -0.01 8.10 -19.07
C GLN A 101 1.37 8.24 -19.67
N LEU A 102 1.47 8.74 -20.90
CA LEU A 102 2.78 9.03 -21.49
C LEU A 102 3.58 9.99 -20.61
N PHE A 103 2.89 10.91 -19.91
CA PHE A 103 3.59 11.82 -19.01
C PHE A 103 4.06 11.10 -17.76
N ASN A 104 3.30 10.12 -17.28
CA ASN A 104 3.77 9.31 -16.16
C ASN A 104 5.04 8.56 -16.53
N VAL A 105 5.15 8.13 -17.79
CA VAL A 105 6.38 7.51 -18.26
C VAL A 105 7.52 8.52 -18.28
N LEU A 106 7.22 9.75 -18.72
CA LEU A 106 8.25 10.79 -18.75
C LEU A 106 8.67 11.22 -17.35
N LYS A 107 7.76 11.09 -16.37
CA LYS A 107 8.06 11.45 -14.99
C LYS A 107 8.89 10.41 -14.27
N GLY A 108 9.10 9.23 -14.85
CA GLY A 108 9.69 8.14 -14.14
C GLY A 108 8.72 7.34 -13.30
N ASP A 109 7.46 7.77 -13.19
CA ASP A 109 6.46 6.98 -12.47
C ASP A 109 6.24 5.63 -13.15
N MET A 110 6.25 5.61 -14.48
CA MET A 110 6.00 4.40 -15.25
C MET A 110 7.08 4.23 -16.31
N SER A 111 7.14 3.02 -16.84
CA SER A 111 8.00 2.68 -17.98
C SER A 111 7.12 2.30 -19.16
N PHE A 112 7.73 2.22 -20.34
CA PHE A 112 6.99 1.76 -21.50
C PHE A 112 6.68 0.27 -21.40
N ILE A 113 7.53 -0.49 -20.72
CA ILE A 113 7.37 -1.93 -20.54
C ILE A 113 7.51 -2.27 -19.07
N GLY A 114 6.54 -2.99 -18.52
CA GLY A 114 6.55 -3.38 -17.14
C GLY A 114 5.20 -3.93 -16.71
N PRO A 115 5.10 -4.39 -15.46
CA PRO A 115 3.81 -4.88 -14.97
C PRO A 115 2.76 -3.78 -14.98
N ARG A 116 1.50 -4.20 -15.07
CA ARG A 116 0.40 -3.23 -15.13
C ARG A 116 0.19 -2.63 -13.75
N PRO A 117 0.07 -1.30 -13.64
CA PRO A 117 -0.18 -0.69 -12.32
C PRO A 117 -1.56 -1.04 -11.80
N LEU A 118 -1.61 -1.84 -10.74
CA LEU A 118 -2.86 -2.38 -10.21
C LEU A 118 -3.32 -1.57 -9.01
N LEU A 119 -4.48 -1.95 -8.48
CA LEU A 119 -5.09 -1.21 -7.38
C LEU A 119 -4.20 -1.27 -6.13
N VAL A 120 -4.33 -0.24 -5.29
CA VAL A 120 -3.55 -0.21 -4.05
C VAL A 120 -4.06 -1.23 -3.05
N GLU A 121 -5.30 -1.72 -3.22
CA GLU A 121 -5.84 -2.73 -2.31
C GLU A 121 -5.18 -4.09 -2.47
N TYR A 122 -4.49 -4.32 -3.59
CA TYR A 122 -3.82 -5.59 -3.83
C TYR A 122 -2.53 -5.74 -3.03
N LEU A 123 -2.03 -4.65 -2.42
CA LEU A 123 -0.76 -4.72 -1.70
C LEU A 123 -0.75 -5.76 -0.58
N PRO A 124 -1.76 -5.82 0.31
CA PRO A 124 -1.74 -6.88 1.33
C PRO A 124 -2.00 -8.28 0.77
N ILE A 125 -2.60 -8.39 -0.42
CA ILE A 125 -2.97 -9.70 -0.94
C ILE A 125 -1.81 -10.40 -1.64
N TYR A 126 -0.82 -9.65 -2.13
CA TYR A 126 0.34 -10.26 -2.77
C TYR A 126 1.08 -11.15 -1.78
N ASN A 127 1.55 -12.30 -2.26
CA ASN A 127 2.45 -13.12 -1.47
C ASN A 127 3.89 -12.66 -1.70
N GLU A 128 4.80 -13.16 -0.86
CA GLU A 128 6.18 -12.70 -0.91
C GLU A 128 6.84 -12.95 -2.26
N THR A 129 6.32 -13.91 -3.04
CA THR A 129 6.79 -14.10 -4.40
C THR A 129 6.24 -13.02 -5.33
N GLN A 130 4.94 -12.76 -5.24
CA GLN A 130 4.29 -11.82 -6.15
C GLN A 130 4.67 -10.36 -5.86
N LYS A 131 5.19 -10.07 -4.67
CA LYS A 131 5.54 -8.70 -4.35
C LYS A 131 6.74 -8.19 -5.15
N HIS A 132 7.51 -9.09 -5.75
CA HIS A 132 8.63 -8.68 -6.60
C HIS A 132 8.16 -8.03 -7.90
N ARG A 133 6.86 -8.09 -8.20
CA ARG A 133 6.34 -7.45 -9.41
C ARG A 133 6.54 -5.93 -9.37
N HIS A 134 6.77 -5.37 -8.18
CA HIS A 134 7.01 -3.94 -8.04
C HIS A 134 8.49 -3.61 -7.89
N ASP A 135 9.38 -4.57 -8.18
CA ASP A 135 10.81 -4.30 -8.22
C ASP A 135 11.22 -3.50 -9.45
N VAL A 136 10.29 -3.25 -10.37
CA VAL A 136 10.54 -2.44 -11.55
C VAL A 136 9.36 -1.49 -11.74
N ARG A 137 9.56 -0.49 -12.60
CA ARG A 137 8.52 0.48 -12.86
C ARG A 137 7.33 -0.18 -13.55
N PRO A 138 6.10 0.22 -13.22
CA PRO A 138 4.94 -0.27 -13.98
C PRO A 138 4.98 0.23 -15.41
N GLY A 139 4.25 -0.49 -16.29
CA GLY A 139 4.34 -0.24 -17.70
C GLY A 139 2.97 -0.05 -18.34
N ILE A 140 2.99 0.66 -19.47
CA ILE A 140 1.80 0.73 -20.31
C ILE A 140 1.49 -0.63 -20.93
N THR A 141 2.53 -1.37 -21.30
CA THR A 141 2.43 -2.76 -21.71
C THR A 141 3.50 -3.55 -20.95
N GLY A 142 3.45 -4.87 -21.09
CA GLY A 142 4.43 -5.69 -20.38
C GLY A 142 4.32 -7.14 -20.79
N LEU A 143 5.06 -7.98 -20.04
CA LEU A 143 5.12 -9.40 -20.36
C LEU A 143 3.79 -10.09 -20.12
N ALA A 144 3.12 -9.77 -19.02
CA ALA A 144 1.82 -10.39 -18.74
C ALA A 144 0.74 -9.82 -19.65
N GLN A 145 0.89 -8.56 -20.10
CA GLN A 145 -0.13 -7.94 -20.94
C GLN A 145 -0.23 -8.63 -22.29
N VAL A 146 0.90 -8.96 -22.91
CA VAL A 146 0.87 -9.64 -24.20
C VAL A 146 0.50 -11.11 -24.06
N ASN A 147 0.66 -11.69 -22.88
CA ASN A 147 0.26 -13.08 -22.63
C ASN A 147 -1.11 -13.14 -21.98
N GLY A 148 -2.09 -12.46 -22.57
CA GLY A 148 -3.45 -12.46 -22.08
C GLY A 148 -4.30 -13.61 -22.54
N ARG A 149 -3.74 -14.52 -23.33
CA ARG A 149 -4.48 -15.68 -23.83
C ARG A 149 -4.40 -16.87 -22.89
N ASN A 150 -3.20 -17.17 -22.37
CA ASN A 150 -2.98 -18.31 -21.50
C ASN A 150 -2.87 -17.91 -20.02
N ALA A 151 -3.32 -16.70 -19.67
CA ALA A 151 -3.23 -16.21 -18.29
C ALA A 151 -4.54 -15.49 -17.95
N ILE A 152 -5.58 -16.27 -17.67
CA ILE A 152 -6.85 -15.68 -17.23
C ILE A 152 -6.82 -15.42 -15.72
N SER A 153 -6.15 -16.27 -14.96
CA SER A 153 -6.03 -16.08 -13.53
C SER A 153 -4.98 -15.02 -13.20
N TRP A 154 -5.11 -14.42 -12.02
CA TRP A 154 -4.18 -13.37 -11.62
C TRP A 154 -2.83 -13.94 -11.23
N GLU A 155 -2.78 -15.16 -10.71
CA GLU A 155 -1.50 -15.74 -10.30
C GLU A 155 -0.61 -16.04 -11.51
N LYS A 156 -1.22 -16.31 -12.67
CA LYS A 156 -0.43 -16.50 -13.88
C LYS A 156 0.13 -15.18 -14.39
N LYS A 157 -0.66 -14.11 -14.34
CA LYS A 157 -0.16 -12.80 -14.74
C LYS A 157 0.97 -12.35 -13.82
N PHE A 158 0.86 -12.65 -12.53
CA PHE A 158 1.91 -12.28 -11.59
C PHE A 158 3.17 -13.11 -11.82
N GLU A 159 3.02 -14.38 -12.23
CA GLU A 159 4.18 -15.18 -12.59
C GLU A 159 4.95 -14.56 -13.74
N TYR A 160 4.24 -14.01 -14.73
CA TYR A 160 4.89 -13.26 -15.79
C TYR A 160 5.50 -11.97 -15.27
N ASP A 161 4.90 -11.38 -14.23
CA ASP A 161 5.42 -10.13 -13.68
C ASP A 161 6.73 -10.37 -12.95
N VAL A 162 6.77 -11.38 -12.07
CA VAL A 162 7.99 -11.68 -11.32
C VAL A 162 9.09 -12.15 -12.26
N TYR A 163 8.72 -12.92 -13.29
CA TYR A 163 9.71 -13.37 -14.27
C TYR A 163 10.30 -12.19 -15.03
N TYR A 164 9.47 -11.17 -15.32
CA TYR A 164 9.99 -10.01 -16.04
C TYR A 164 10.94 -9.20 -15.17
N ALA A 165 10.55 -8.96 -13.91
CA ALA A 165 11.40 -8.19 -13.01
C ALA A 165 12.71 -8.92 -12.72
N LYS A 166 12.70 -10.25 -12.76
CA LYS A 166 13.90 -11.02 -12.50
C LYS A 166 14.83 -11.04 -13.70
N ASN A 167 14.27 -11.14 -14.90
CA ASN A 167 15.04 -11.29 -16.13
C ASN A 167 14.90 -10.08 -17.06
N LEU A 168 14.89 -8.88 -16.48
CA LEU A 168 14.74 -7.66 -17.28
C LEU A 168 16.00 -7.43 -18.11
N SER A 169 15.86 -7.50 -19.43
CA SER A 169 16.97 -7.27 -20.34
C SER A 169 16.47 -6.50 -21.55
N PHE A 170 17.42 -5.99 -22.33
CA PHE A 170 17.07 -5.31 -23.58
C PHE A 170 16.39 -6.27 -24.55
N MET A 171 16.88 -7.50 -24.63
CA MET A 171 16.31 -8.47 -25.55
C MET A 171 14.89 -8.86 -25.15
N LEU A 172 14.61 -8.92 -23.85
CA LEU A 172 13.27 -9.24 -23.40
C LEU A 172 12.31 -8.09 -23.72
N ASP A 173 12.76 -6.84 -23.52
CA ASP A 173 11.92 -5.70 -23.84
C ASP A 173 11.64 -5.62 -25.34
N VAL A 174 12.65 -5.83 -26.16
CA VAL A 174 12.45 -5.85 -27.62
C VAL A 174 11.49 -6.98 -27.99
N LYS A 175 11.61 -8.13 -27.33
CA LYS A 175 10.70 -9.23 -27.59
C LYS A 175 9.27 -8.86 -27.22
N ILE A 176 9.08 -8.24 -26.05
CA ILE A 176 7.75 -7.82 -25.62
C ILE A 176 7.17 -6.79 -26.59
N ALA A 177 8.02 -5.91 -27.13
CA ALA A 177 7.55 -4.92 -28.09
C ALA A 177 7.12 -5.57 -29.40
N LEU A 178 7.85 -6.61 -29.83
CA LEU A 178 7.49 -7.28 -31.08
C LEU A 178 6.14 -8.01 -30.95
N MET A 179 5.90 -8.57 -29.79
CA MET A 179 4.64 -9.30 -29.60
C MET A 179 3.48 -8.32 -29.48
N THR A 180 3.74 -7.11 -28.99
CA THR A 180 2.66 -6.11 -28.78
C THR A 180 2.17 -5.60 -30.13
N ILE A 181 3.09 -5.38 -31.05
CA ILE A 181 2.69 -4.97 -32.42
C ILE A 181 1.89 -6.13 -32.99
N GLU A 182 2.39 -7.34 -32.83
CA GLU A 182 1.74 -8.53 -33.41
C GLU A 182 0.28 -8.54 -32.98
N LYS A 183 -0.05 -7.86 -31.89
CA LYS A 183 -1.47 -7.76 -31.50
C LYS A 183 -2.14 -6.84 -32.51
N VAL A 184 -1.72 -6.92 -33.77
CA VAL A 184 -2.37 -6.16 -34.88
C VAL A 184 -3.78 -6.73 -34.98
N LEU A 185 -3.95 -7.99 -34.60
CA LEU A 185 -5.26 -8.68 -34.72
C LEU A 185 -6.40 -7.82 -34.14
N LYS A 186 -6.10 -6.96 -33.17
CA LYS A 186 -7.16 -6.04 -32.69
C LYS A 186 -6.72 -4.60 -33.01
N THR A 198 -11.77 -9.53 -14.31
CA THR A 198 -13.02 -8.88 -13.83
C THR A 198 -13.25 -9.25 -12.37
N GLU A 199 -12.73 -10.41 -11.95
CA GLU A 199 -12.96 -10.92 -10.58
C GLU A 199 -12.32 -10.01 -9.53
N LYS A 200 -11.18 -9.40 -9.82
CA LYS A 200 -10.47 -8.59 -8.80
C LYS A 200 -9.67 -9.55 -7.92
N PHE A 201 -8.37 -9.28 -7.73
CA PHE A 201 -7.48 -10.21 -6.98
C PHE A 201 -8.08 -10.55 -5.62
N ASN A 202 -8.21 -11.85 -5.32
CA ASN A 202 -8.72 -12.31 -4.03
C ASN A 202 -7.74 -13.20 -3.27
N GLY A 203 -6.53 -13.41 -3.79
CA GLY A 203 -5.57 -14.29 -3.19
C GLY A 203 -5.60 -15.71 -3.70
N LYS A 204 -6.67 -16.10 -4.41
CA LYS A 204 -6.76 -17.43 -4.98
C LYS A 204 -7.30 -17.42 -6.41
N ASN A 205 -7.70 -16.27 -6.92
CA ASN A 205 -8.23 -16.17 -8.29
C ASN A 205 -7.11 -15.94 -9.30
N SER B 3 19.41 -15.59 32.30
CA SER B 3 18.14 -14.96 31.94
C SER B 3 17.60 -15.54 30.64
N GLY B 4 17.54 -16.87 30.58
CA GLY B 4 17.10 -17.55 29.39
C GLY B 4 15.67 -18.02 29.45
N MET B 5 15.23 -18.47 30.62
CA MET B 5 13.90 -19.05 30.73
C MET B 5 12.81 -18.04 30.38
N TYR B 6 13.04 -16.76 30.65
CA TYR B 6 11.96 -15.79 30.36
C TYR B 6 11.90 -15.56 28.86
N ARG B 7 12.96 -15.02 28.31
CA ARG B 7 12.96 -14.66 26.88
C ARG B 7 12.70 -15.86 25.99
N ASN B 8 13.19 -17.02 26.39
CA ASN B 8 13.09 -18.21 25.51
C ASN B 8 11.80 -18.98 25.77
N PHE B 9 11.05 -18.62 26.82
CA PHE B 9 9.87 -19.46 27.13
C PHE B 9 8.84 -18.70 27.97
N LEU B 10 9.25 -18.11 29.09
CA LEU B 10 8.25 -17.54 29.98
C LEU B 10 7.60 -16.29 29.38
N LYS B 11 8.38 -15.43 28.74
CA LYS B 11 7.81 -14.22 28.15
C LYS B 11 6.74 -14.55 27.13
N ARG B 12 6.92 -15.64 26.38
CA ARG B 12 5.94 -16.04 25.39
C ARG B 12 4.66 -16.56 26.04
N VAL B 13 4.80 -17.33 27.13
CA VAL B 13 3.63 -17.86 27.83
C VAL B 13 2.76 -16.74 28.37
N ILE B 14 3.39 -15.66 28.86
CA ILE B 14 2.64 -14.52 29.35
C ILE B 14 1.90 -13.83 28.22
N ASP B 15 2.53 -13.74 27.04
CA ASP B 15 1.88 -13.10 25.90
C ASP B 15 0.63 -13.86 25.47
N ILE B 16 0.68 -15.20 25.51
CA ILE B 16 -0.47 -15.99 25.11
C ILE B 16 -1.62 -15.80 26.09
N LEU B 17 -1.34 -15.98 27.38
CA LEU B 17 -2.39 -15.87 28.39
C LEU B 17 -2.90 -14.42 28.53
N GLY B 18 -2.01 -13.44 28.35
CA GLY B 18 -2.44 -12.06 28.45
C GLY B 18 -3.33 -11.64 27.31
N ALA B 19 -2.92 -11.95 26.07
CA ALA B 19 -3.72 -11.61 24.91
C ALA B 19 -5.04 -12.37 24.90
N LEU B 20 -5.00 -13.66 25.26
CA LEU B 20 -6.22 -14.46 25.30
C LEU B 20 -7.20 -13.91 26.32
N PHE B 21 -6.69 -13.40 27.44
CA PHE B 21 -7.58 -12.86 28.48
C PHE B 21 -8.19 -11.53 28.04
N LEU B 22 -7.38 -10.65 27.44
CA LEU B 22 -7.88 -9.35 27.01
C LEU B 22 -8.82 -9.47 25.82
N LEU B 23 -8.63 -10.50 24.98
CA LEU B 23 -9.58 -10.75 23.90
C LEU B 23 -10.95 -11.13 24.44
N ILE B 24 -10.98 -11.97 25.49
CA ILE B 24 -12.25 -12.31 26.13
C ILE B 24 -12.78 -11.10 26.89
N LEU B 25 -11.88 -10.33 27.51
CA LEU B 25 -12.31 -9.17 28.30
C LEU B 25 -12.96 -8.11 27.43
N THR B 26 -12.37 -7.83 26.27
CA THR B 26 -12.88 -6.79 25.37
C THR B 26 -13.73 -7.36 24.24
N SER B 27 -14.13 -8.62 24.34
CA SER B 27 -14.91 -9.24 23.27
C SER B 27 -16.22 -8.52 22.96
N PRO B 28 -17.04 -8.07 23.93
CA PRO B 28 -18.25 -7.34 23.54
C PRO B 28 -17.95 -6.05 22.80
N ILE B 29 -16.90 -5.35 23.19
CA ILE B 29 -16.51 -4.13 22.48
C ILE B 29 -15.98 -4.48 21.10
N ILE B 30 -15.25 -5.58 20.97
CA ILE B 30 -14.75 -6.01 19.67
C ILE B 30 -15.90 -6.36 18.75
N ILE B 31 -16.85 -7.16 19.24
CA ILE B 31 -17.98 -7.59 18.42
C ILE B 31 -18.87 -6.40 18.07
N ALA B 32 -19.12 -5.53 19.04
CA ALA B 32 -19.95 -4.36 18.78
C ALA B 32 -19.30 -3.42 17.77
N THR B 33 -18.00 -3.18 17.91
CA THR B 33 -17.30 -2.34 16.94
C THR B 33 -17.26 -2.98 15.56
N ALA B 34 -17.08 -4.31 15.51
CA ALA B 34 -17.10 -5.00 14.23
C ALA B 34 -18.47 -4.91 13.58
N ILE B 35 -19.54 -4.95 14.39
CA ILE B 35 -20.89 -4.84 13.86
C ILE B 35 -21.15 -3.45 13.31
N PHE B 36 -20.74 -2.42 14.06
CA PHE B 36 -21.00 -1.04 13.65
C PHE B 36 -20.27 -0.72 12.34
N ILE B 37 -18.99 -1.12 12.26
CA ILE B 37 -18.21 -0.86 11.05
C ILE B 37 -18.82 -1.58 9.86
N TYR B 38 -19.37 -2.77 10.07
CA TYR B 38 -19.92 -3.55 8.97
C TYR B 38 -21.11 -2.86 8.33
N PHE B 39 -22.01 -2.29 9.13
CA PHE B 39 -23.25 -1.74 8.63
C PHE B 39 -23.16 -0.25 8.28
N LYS B 40 -22.23 0.48 8.88
CA LYS B 40 -22.17 1.93 8.68
C LYS B 40 -20.88 2.42 8.04
N VAL B 41 -19.78 1.69 8.15
CA VAL B 41 -18.50 2.15 7.63
C VAL B 41 -18.11 1.30 6.42
N SER B 42 -17.80 0.03 6.65
CA SER B 42 -17.33 -0.85 5.58
C SER B 42 -17.58 -2.29 5.98
N ARG B 43 -18.11 -3.07 5.04
CA ARG B 43 -18.35 -4.50 5.25
C ARG B 43 -17.07 -5.33 5.26
N ASP B 44 -15.91 -4.68 5.29
CA ASP B 44 -14.63 -5.37 5.45
C ASP B 44 -14.14 -5.41 6.89
N VAL B 45 -14.53 -4.41 7.70
CA VAL B 45 -14.29 -4.40 9.14
C VAL B 45 -12.81 -4.31 9.47
N ILE B 46 -12.02 -5.24 8.94
CA ILE B 46 -10.62 -5.38 9.29
C ILE B 46 -9.75 -5.11 8.06
N PHE B 47 -8.69 -4.33 8.24
CA PHE B 47 -7.66 -4.14 7.24
C PHE B 47 -6.30 -4.38 7.86
N THR B 48 -5.35 -4.83 7.05
CA THR B 48 -4.04 -5.24 7.52
C THR B 48 -2.97 -4.25 7.09
N GLN B 49 -1.88 -4.25 7.86
CA GLN B 49 -0.70 -3.45 7.57
C GLN B 49 0.52 -4.34 7.71
N ALA B 50 1.35 -4.39 6.67
CA ALA B 50 2.54 -5.22 6.68
C ALA B 50 3.62 -4.60 7.55
N ARG B 51 4.12 -5.37 8.51
CA ARG B 51 5.13 -4.90 9.45
C ARG B 51 6.15 -6.01 9.67
N PRO B 52 7.45 -5.69 9.64
CA PRO B 52 8.45 -6.71 9.98
C PRO B 52 8.41 -7.05 11.47
N GLY B 53 8.57 -8.33 11.77
CA GLY B 53 8.50 -8.80 13.14
C GLY B 53 9.76 -9.46 13.64
N LEU B 54 9.61 -10.61 14.30
CA LEU B 54 10.77 -11.32 14.83
C LEU B 54 11.66 -11.81 13.70
N ASN B 55 12.97 -11.57 13.83
CA ASN B 55 13.96 -11.95 12.83
C ASN B 55 13.63 -11.33 11.47
N GLU B 56 13.10 -10.11 11.49
CA GLU B 56 12.69 -9.35 10.31
C GLU B 56 11.59 -10.04 9.51
N LYS B 57 10.96 -11.08 10.06
CA LYS B 57 9.87 -11.75 9.37
C LYS B 57 8.66 -10.84 9.25
N ILE B 58 8.01 -10.88 8.10
CA ILE B 58 6.88 -10.01 7.80
C ILE B 58 5.60 -10.65 8.35
N PHE B 59 4.81 -9.86 9.07
CA PHE B 59 3.49 -10.27 9.53
C PHE B 59 2.48 -9.20 9.17
N LYS B 60 1.19 -9.55 9.27
CA LYS B 60 0.10 -8.63 8.99
C LYS B 60 -0.45 -8.11 10.31
N MET B 61 -0.29 -6.82 10.55
CA MET B 61 -0.84 -6.20 11.75
C MET B 61 -2.31 -5.86 11.52
N TYR B 62 -3.16 -6.28 12.44
CA TYR B 62 -4.60 -6.13 12.27
C TYR B 62 -5.10 -4.85 12.92
N LYS B 63 -6.13 -4.27 12.31
CA LYS B 63 -6.69 -3.00 12.75
C LYS B 63 -8.10 -2.85 12.18
N PHE B 64 -9.01 -2.31 12.97
CA PHE B 64 -10.37 -2.07 12.49
C PHE B 64 -10.38 -0.99 11.41
N LYS B 65 -11.16 -1.22 10.37
CA LYS B 65 -11.29 -0.26 9.28
C LYS B 65 -12.13 0.93 9.75
N THR B 66 -11.52 2.11 9.79
CA THR B 66 -12.19 3.31 10.28
C THR B 66 -12.64 4.25 9.17
N MET B 67 -12.18 4.07 7.95
CA MET B 67 -12.58 4.90 6.83
C MET B 67 -13.60 4.18 5.96
N SER B 68 -14.46 4.95 5.30
CA SER B 68 -15.38 4.40 4.34
C SER B 68 -14.65 4.11 3.03
N ASP B 69 -15.39 3.63 2.04
CA ASP B 69 -14.86 3.31 0.72
C ASP B 69 -15.57 4.09 -0.36
N GLU B 70 -15.96 5.33 -0.06
CA GLU B 70 -16.70 6.12 -1.02
C GLU B 70 -15.79 6.59 -2.15
N ARG B 71 -16.38 6.71 -3.34
CA ARG B 71 -15.68 7.09 -4.56
C ARG B 71 -16.18 8.46 -5.02
N ASP B 72 -15.59 8.94 -6.12
CA ASP B 72 -15.99 10.19 -6.75
C ASP B 72 -16.59 9.91 -8.12
N ALA B 73 -16.86 10.97 -8.88
CA ALA B 73 -17.44 10.81 -10.21
C ALA B 73 -16.49 10.05 -11.14
N ASN B 74 -15.19 10.19 -10.94
CA ASN B 74 -14.20 9.51 -11.77
C ASN B 74 -13.99 8.06 -11.38
N GLY B 75 -14.48 7.65 -10.21
CA GLY B 75 -14.31 6.29 -9.73
C GLY B 75 -13.16 6.10 -8.75
N GLU B 76 -12.47 7.17 -8.36
CA GLU B 76 -11.36 7.08 -7.44
C GLU B 76 -11.81 7.34 -6.01
N LEU B 77 -11.05 6.80 -5.06
CA LEU B 77 -11.37 6.99 -3.66
C LEU B 77 -11.31 8.46 -3.28
N LEU B 78 -12.28 8.91 -2.49
CA LEU B 78 -12.29 10.26 -1.97
C LEU B 78 -11.08 10.47 -1.06
N PRO B 79 -10.70 11.73 -0.83
CA PRO B 79 -9.61 11.99 0.12
C PRO B 79 -9.99 11.50 1.52
N ASP B 80 -8.95 11.20 2.31
CA ASP B 80 -9.18 10.72 3.68
C ASP B 80 -9.94 11.73 4.53
N ASP B 81 -9.93 13.00 4.12
CA ASP B 81 -10.69 14.02 4.86
C ASP B 81 -12.18 13.75 4.81
N GLN B 82 -12.67 13.17 3.71
CA GLN B 82 -14.09 12.95 3.51
C GLN B 82 -14.48 11.48 3.63
N ARG B 83 -13.57 10.62 4.09
CA ARG B 83 -13.86 9.21 4.28
C ARG B 83 -13.97 8.81 5.75
N LEU B 84 -13.92 9.79 6.65
CA LEU B 84 -13.87 9.52 8.10
C LEU B 84 -15.05 10.24 8.75
N GLY B 85 -16.10 9.48 9.04
CA GLY B 85 -17.26 10.04 9.72
C GLY B 85 -16.98 10.35 11.18
N LYS B 86 -17.95 11.01 11.82
CA LYS B 86 -17.80 11.39 13.22
C LYS B 86 -17.57 10.17 14.10
N PHE B 87 -18.32 9.09 13.86
CA PHE B 87 -18.12 7.87 14.65
C PHE B 87 -16.78 7.22 14.33
N GLY B 88 -16.28 7.39 13.10
CA GLY B 88 -14.99 6.83 12.76
C GLY B 88 -13.86 7.49 13.55
N LYS B 89 -13.92 8.81 13.70
CA LYS B 89 -12.96 9.51 14.54
C LYS B 89 -13.05 9.05 15.98
N LEU B 90 -14.24 8.60 16.41
CA LEU B 90 -14.45 8.22 17.79
C LEU B 90 -13.75 6.89 18.09
N ILE B 91 -13.87 5.93 17.17
CA ILE B 91 -13.19 4.65 17.34
C ILE B 91 -11.68 4.86 17.40
N ARG B 92 -11.16 5.79 16.60
CA ARG B 92 -9.74 6.09 16.65
C ARG B 92 -9.36 6.78 17.95
N SER B 93 -10.17 7.75 18.40
CA SER B 93 -9.82 8.51 19.59
C SER B 93 -9.77 7.61 20.82
N LEU B 94 -10.62 6.60 20.88
CA LEU B 94 -10.65 5.67 22.00
C LEU B 94 -9.77 4.45 21.79
N SER B 95 -8.99 4.42 20.70
CA SER B 95 -8.07 3.33 20.39
C SER B 95 -8.78 1.99 20.28
N LEU B 96 -10.03 1.98 19.83
CA LEU B 96 -10.76 0.73 19.67
C LEU B 96 -10.37 0.00 18.40
N ASP B 97 -9.89 0.73 17.39
CA ASP B 97 -9.42 0.09 16.17
C ASP B 97 -8.10 -0.65 16.37
N GLU B 98 -7.42 -0.42 17.49
CA GLU B 98 -6.19 -1.14 17.81
C GLU B 98 -6.44 -2.46 18.52
N LEU B 99 -7.69 -2.75 18.89
CA LEU B 99 -8.01 -3.99 19.58
C LEU B 99 -7.60 -5.26 18.82
N PRO B 100 -7.75 -5.35 17.49
CA PRO B 100 -7.32 -6.58 16.80
C PRO B 100 -5.84 -6.90 16.98
N GLN B 101 -5.01 -5.92 17.37
CA GLN B 101 -3.59 -6.20 17.58
C GLN B 101 -3.36 -7.14 18.76
N LEU B 102 -4.37 -7.30 19.63
CA LEU B 102 -4.28 -8.33 20.66
C LEU B 102 -4.18 -9.72 20.04
N PHE B 103 -4.83 -9.93 18.89
CA PHE B 103 -4.71 -11.21 18.20
C PHE B 103 -3.30 -11.40 17.66
N ASN B 104 -2.66 -10.32 17.22
CA ASN B 104 -1.26 -10.39 16.79
C ASN B 104 -0.36 -10.85 17.92
N VAL B 105 -0.65 -10.40 19.15
CA VAL B 105 0.12 -10.85 20.30
C VAL B 105 -0.17 -12.32 20.59
N LEU B 106 -1.42 -12.74 20.40
CA LEU B 106 -1.80 -14.12 20.74
C LEU B 106 -1.17 -15.12 19.80
N LYS B 107 -1.09 -14.81 18.51
CA LYS B 107 -0.59 -15.75 17.52
C LYS B 107 0.93 -15.72 17.39
N GLY B 108 1.61 -14.81 18.09
CA GLY B 108 3.05 -14.78 18.11
C GLY B 108 3.70 -13.72 17.23
N ASP B 109 2.90 -12.99 16.45
CA ASP B 109 3.46 -11.93 15.61
C ASP B 109 4.09 -10.83 16.47
N MET B 110 3.49 -10.53 17.61
CA MET B 110 3.96 -9.47 18.48
C MET B 110 4.00 -9.97 19.93
N SER B 111 4.74 -9.25 20.75
CA SER B 111 4.75 -9.44 22.19
C SER B 111 4.04 -8.24 22.83
N PHE B 112 3.89 -8.28 24.15
CA PHE B 112 3.34 -7.12 24.83
C PHE B 112 4.37 -6.01 25.00
N ILE B 113 5.61 -6.39 25.28
CA ILE B 113 6.73 -5.45 25.40
C ILE B 113 7.71 -5.73 24.28
N GLY B 114 8.11 -4.68 23.57
CA GLY B 114 9.05 -4.80 22.49
C GLY B 114 9.11 -3.56 21.63
N PRO B 115 10.03 -3.54 20.66
CA PRO B 115 10.13 -2.39 19.77
C PRO B 115 8.86 -2.21 18.94
N ARG B 116 8.58 -0.96 18.60
CA ARG B 116 7.37 -0.66 17.83
C ARG B 116 7.53 -1.16 16.40
N PRO B 117 6.53 -1.85 15.85
CA PRO B 117 6.61 -2.28 14.45
C PRO B 117 6.50 -1.09 13.51
N LEU B 118 7.51 -0.92 12.66
CA LEU B 118 7.56 0.20 11.73
C LEU B 118 7.36 -0.31 10.30
N LEU B 119 7.43 0.63 9.35
CA LEU B 119 7.18 0.32 7.95
C LEU B 119 8.23 -0.66 7.40
N VAL B 120 7.94 -1.20 6.22
CA VAL B 120 8.85 -2.14 5.56
C VAL B 120 9.90 -1.43 4.72
N GLU B 121 9.84 -0.10 4.61
CA GLU B 121 10.83 0.67 3.87
C GLU B 121 12.13 0.86 4.65
N TYR B 122 12.18 0.41 5.90
CA TYR B 122 13.29 0.73 6.78
C TYR B 122 14.36 -0.35 6.82
N LEU B 123 14.07 -1.55 6.32
CA LEU B 123 15.07 -2.63 6.35
C LEU B 123 16.36 -2.27 5.60
N PRO B 124 16.33 -1.73 4.37
CA PRO B 124 17.59 -1.29 3.76
C PRO B 124 18.18 -0.06 4.41
N ILE B 125 17.35 0.76 5.08
CA ILE B 125 17.86 1.96 5.73
C ILE B 125 18.56 1.61 7.04
N TYR B 126 18.13 0.52 7.70
CA TYR B 126 18.78 0.08 8.92
C TYR B 126 20.24 -0.26 8.66
N ASN B 127 21.13 0.28 9.50
CA ASN B 127 22.52 -0.13 9.49
C ASN B 127 22.65 -1.42 10.31
N GLU B 128 23.88 -1.86 10.58
CA GLU B 128 24.07 -3.18 11.16
C GLU B 128 23.87 -3.23 12.66
N THR B 129 23.96 -2.10 13.37
CA THR B 129 23.65 -2.11 14.79
C THR B 129 22.21 -1.74 15.09
N GLN B 130 21.46 -1.26 14.09
CA GLN B 130 20.03 -1.03 14.23
C GLN B 130 19.19 -2.22 13.79
N LYS B 131 19.77 -3.19 13.08
CA LYS B 131 19.03 -4.38 12.68
C LYS B 131 18.79 -5.34 13.83
N HIS B 132 19.52 -5.19 14.94
CA HIS B 132 19.38 -6.10 16.07
C HIS B 132 18.09 -5.88 16.85
N ARG B 133 17.31 -4.85 16.50
CA ARG B 133 16.05 -4.62 17.20
C ARG B 133 15.05 -5.74 16.95
N HIS B 134 15.13 -6.39 15.79
CA HIS B 134 14.19 -7.44 15.42
C HIS B 134 14.61 -8.81 15.94
N ASP B 135 15.56 -8.85 16.89
CA ASP B 135 15.92 -10.11 17.54
C ASP B 135 14.86 -10.58 18.53
N VAL B 136 13.84 -9.76 18.79
CA VAL B 136 12.73 -10.13 19.66
C VAL B 136 11.44 -9.66 19.02
N ARG B 137 10.33 -10.22 19.48
CA ARG B 137 9.03 -9.87 18.92
C ARG B 137 8.72 -8.40 19.18
N PRO B 138 8.13 -7.70 18.22
CA PRO B 138 7.70 -6.31 18.47
C PRO B 138 6.61 -6.27 19.53
N GLY B 139 6.45 -5.10 20.14
CA GLY B 139 5.54 -4.99 21.27
C GLY B 139 4.47 -3.92 21.13
N ILE B 140 3.37 -4.10 21.87
CA ILE B 140 2.35 -3.05 21.96
C ILE B 140 2.94 -1.80 22.57
N THR B 141 3.71 -1.96 23.65
CA THR B 141 4.53 -0.91 24.23
C THR B 141 5.95 -1.44 24.38
N GLY B 142 6.85 -0.59 24.86
CA GLY B 142 8.23 -1.02 25.02
C GLY B 142 9.07 0.05 25.65
N LEU B 143 10.39 -0.15 25.56
CA LEU B 143 11.33 0.78 26.19
C LEU B 143 11.36 2.12 25.47
N ALA B 144 11.35 2.10 24.14
CA ALA B 144 11.42 3.35 23.39
C ALA B 144 10.09 4.10 23.40
N GLN B 145 8.98 3.38 23.58
CA GLN B 145 7.68 4.03 23.57
C GLN B 145 7.44 4.82 24.84
N VAL B 146 7.89 4.32 25.99
CA VAL B 146 7.71 5.03 27.26
C VAL B 146 8.76 6.09 27.50
N ASN B 147 9.82 6.13 26.68
CA ASN B 147 10.90 7.11 26.82
C ASN B 147 10.78 8.23 25.80
N GLY B 148 9.57 8.75 25.60
CA GLY B 148 9.40 9.88 24.68
C GLY B 148 10.04 11.14 25.24
N ARG B 149 10.73 11.87 24.36
CA ARG B 149 11.42 13.09 24.74
C ARG B 149 10.87 14.31 24.00
N ASN B 150 9.57 14.27 23.67
CA ASN B 150 8.86 15.31 22.91
C ASN B 150 9.71 15.87 21.78
N ALA B 151 10.47 15.02 21.10
CA ALA B 151 11.33 15.44 20.01
C ALA B 151 11.43 14.31 19.00
N ILE B 152 11.88 14.66 17.80
CA ILE B 152 12.06 13.70 16.71
C ILE B 152 13.51 13.26 16.75
N SER B 153 13.77 12.09 17.34
CA SER B 153 15.10 11.52 17.42
C SER B 153 14.96 10.02 17.17
N TRP B 154 14.88 9.66 15.89
CA TRP B 154 14.75 8.25 15.49
C TRP B 154 15.86 7.41 16.08
N GLU B 155 17.11 7.83 15.87
CA GLU B 155 18.27 7.10 16.34
C GLU B 155 18.19 6.80 17.84
N LYS B 156 17.68 7.75 18.62
CA LYS B 156 17.56 7.54 20.06
C LYS B 156 16.62 6.37 20.35
N LYS B 157 15.50 6.30 19.64
CA LYS B 157 14.56 5.20 19.83
C LYS B 157 15.20 3.87 19.50
N PHE B 158 15.90 3.80 18.36
CA PHE B 158 16.54 2.56 17.94
C PHE B 158 17.54 2.08 18.98
N GLU B 159 18.18 3.00 19.71
CA GLU B 159 19.08 2.58 20.78
C GLU B 159 18.31 1.87 21.89
N TYR B 160 17.13 2.40 22.25
CA TYR B 160 16.34 1.76 23.30
C TYR B 160 15.89 0.38 22.87
N ASP B 161 15.49 0.23 21.60
CA ASP B 161 15.08 -1.07 21.09
C ASP B 161 16.24 -2.06 21.15
N VAL B 162 17.46 -1.58 20.87
CA VAL B 162 18.61 -2.47 20.92
C VAL B 162 18.94 -2.84 22.36
N TYR B 163 18.82 -1.88 23.28
CA TYR B 163 19.05 -2.18 24.69
C TYR B 163 18.08 -3.24 25.18
N TYR B 164 16.81 -3.14 24.77
CA TYR B 164 15.82 -4.10 25.24
C TYR B 164 16.08 -5.49 24.67
N ALA B 165 16.49 -5.56 23.40
CA ALA B 165 16.74 -6.86 22.78
C ALA B 165 17.90 -7.58 23.44
N LYS B 166 18.98 -6.86 23.75
CA LYS B 166 20.15 -7.48 24.34
C LYS B 166 20.01 -7.71 25.85
N ASN B 167 19.13 -6.97 26.51
CA ASN B 167 18.96 -7.07 27.97
C ASN B 167 17.54 -7.45 28.34
N LEU B 168 16.87 -8.27 27.52
CA LEU B 168 15.50 -8.67 27.80
C LEU B 168 15.45 -9.46 29.11
N SER B 169 14.92 -8.84 30.16
CA SER B 169 14.82 -9.47 31.47
C SER B 169 13.40 -9.32 31.99
N PHE B 170 13.06 -10.16 32.98
CA PHE B 170 11.75 -10.06 33.60
C PHE B 170 11.62 -8.76 34.38
N MET B 171 12.67 -8.37 35.11
CA MET B 171 12.67 -7.09 35.83
C MET B 171 12.47 -5.92 34.86
N LEU B 172 13.07 -5.99 33.68
CA LEU B 172 12.97 -4.89 32.72
C LEU B 172 11.54 -4.77 32.18
N ASP B 173 10.87 -5.89 31.95
CA ASP B 173 9.51 -5.84 31.42
C ASP B 173 8.53 -5.28 32.45
N VAL B 174 8.68 -5.65 33.72
CA VAL B 174 7.82 -5.11 34.76
C VAL B 174 8.02 -3.60 34.90
N LYS B 175 9.26 -3.13 34.70
CA LYS B 175 9.53 -1.70 34.80
C LYS B 175 8.86 -0.94 33.65
N ILE B 176 8.97 -1.47 32.43
CA ILE B 176 8.33 -0.83 31.28
C ILE B 176 6.81 -0.81 31.44
N ALA B 177 6.24 -1.86 32.04
CA ALA B 177 4.81 -1.89 32.28
C ALA B 177 4.39 -0.81 33.27
N LEU B 178 5.21 -0.57 34.30
CA LEU B 178 4.89 0.49 35.26
C LEU B 178 4.98 1.85 34.62
N MET B 179 6.02 2.09 33.79
CA MET B 179 6.12 3.35 33.08
C MET B 179 4.98 3.53 32.09
N THR B 180 4.53 2.42 31.46
CA THR B 180 3.40 2.50 30.55
C THR B 180 2.14 2.94 31.27
N ILE B 181 1.87 2.34 32.43
CA ILE B 181 0.74 2.76 33.25
C ILE B 181 0.90 4.23 33.65
N GLU B 182 2.13 4.62 34.00
CA GLU B 182 2.37 6.02 34.35
C GLU B 182 2.15 6.94 33.15
N LYS B 183 2.30 6.42 31.93
CA LYS B 183 2.02 7.23 30.76
C LYS B 183 0.52 7.45 30.60
N VAL B 184 -0.26 6.38 30.73
CA VAL B 184 -1.71 6.51 30.55
C VAL B 184 -2.33 7.30 31.68
N LEU B 185 -1.67 7.33 32.86
CA LEU B 185 -2.12 8.21 33.93
C LEU B 185 -1.95 9.67 33.53
N LYS B 186 -0.76 10.02 33.05
CA LYS B 186 -0.51 11.36 32.50
C LYS B 186 -1.05 11.42 31.07
N ARG B 187 -2.38 11.44 31.00
CA ARG B 187 -3.11 11.48 29.72
C ARG B 187 -2.74 10.30 28.82
N THR B 198 6.93 12.82 12.70
CA THR B 198 5.95 12.55 11.65
C THR B 198 6.65 12.22 10.33
N GLU B 199 7.94 12.51 10.26
CA GLU B 199 8.73 12.23 9.07
C GLU B 199 9.32 10.84 9.14
N LYS B 200 9.49 10.23 7.96
CA LYS B 200 9.96 8.86 7.87
C LYS B 200 11.45 8.77 8.22
N PHE B 201 11.85 7.61 8.73
CA PHE B 201 13.25 7.36 9.05
C PHE B 201 14.08 7.31 7.78
N ASN B 202 14.88 8.35 7.54
CA ASN B 202 15.69 8.46 6.33
C ASN B 202 17.15 8.10 6.57
N GLY B 203 17.48 7.51 7.72
CA GLY B 203 18.84 7.14 8.04
C GLY B 203 19.64 8.18 8.79
N LYS B 204 19.24 9.45 8.72
CA LYS B 204 19.95 10.52 9.40
C LYS B 204 19.15 11.19 10.50
N ASN B 205 17.84 11.01 10.53
CA ASN B 205 17.01 11.60 11.57
C ASN B 205 16.96 10.71 12.80
#